data_3T8N
#
_entry.id   3T8N
#
_cell.length_a   127.514
_cell.length_b   76.644
_cell.length_c   53.060
_cell.angle_alpha   90.000
_cell.angle_beta   63.960
_cell.angle_gamma   90.000
#
_symmetry.space_group_name_H-M   'C 1 2 1'
#
loop_
_entity.id
_entity.type
_entity.pdbx_description
1 polymer 'Steroid Delta-isomerase'
2 non-polymer 'SULFATE ION'
3 non-polymer '{[-(BIS-CARBOXYMETHYL-AMINO)-ETHYL]-CARBOXYMETHYL-AMINO}-ACETIC ACID'
4 water water
#
_entity_poly.entity_id   1
_entity_poly.type   'polypeptide(L)'
_entity_poly.pdbx_seq_one_letter_code
;MNLPTAQEVQGLMARAIELVDVGDIEAIVQMYADDATVEDPFGQPPIHGREQIAAFYRQGLGGGKVRACLTGPVRASHNG
CGAMPFRVEMVWNGQPCALDVIAVMRFDEHGRIQTMQAYWSEVNLSVREPQ
;
_entity_poly.pdbx_strand_id   A,B,D,F
#
loop_
_chem_comp.id
_chem_comp.type
_chem_comp.name
_chem_comp.formula
EDT non-polymer '{[-(BIS-CARBOXYMETHYL-AMINO)-ETHYL]-CARBOXYMETHYL-AMINO}-ACETIC ACID' 'C10 H16 N2 O8'
SO4 non-polymer 'SULFATE ION' 'O4 S -2'
#
# COMPACT_ATOMS: atom_id res chain seq x y z
N ASN A 2 20.82 38.92 20.96
CA ASN A 2 20.83 37.42 20.99
C ASN A 2 20.95 36.88 19.60
N LEU A 3 21.08 35.55 19.47
CA LEU A 3 21.02 34.99 18.14
C LEU A 3 19.65 35.32 17.55
N PRO A 4 19.56 35.51 16.23
CA PRO A 4 18.24 35.74 15.66
C PRO A 4 17.36 34.56 15.99
N THR A 5 16.10 34.86 16.22
CA THR A 5 15.04 33.87 16.40
C THR A 5 14.82 33.14 15.08
N ALA A 6 14.08 32.03 15.14
CA ALA A 6 13.83 31.28 13.88
C ALA A 6 13.15 32.15 12.84
N GLN A 7 12.19 32.94 13.28
N GLN A 7 12.17 32.93 13.27
CA GLN A 7 11.48 33.85 12.37
CA GLN A 7 11.47 33.87 12.39
C GLN A 7 12.42 34.89 11.78
C GLN A 7 12.43 34.88 11.77
N GLU A 8 13.33 35.42 12.60
CA GLU A 8 14.32 36.36 12.12
C GLU A 8 15.28 35.71 11.12
N VAL A 9 15.69 34.48 11.36
CA VAL A 9 16.51 33.77 10.38
C VAL A 9 15.76 33.68 9.06
N GLN A 10 14.46 33.31 9.09
CA GLN A 10 13.68 33.25 7.88
C GLN A 10 13.76 34.57 7.14
N GLY A 11 13.58 35.67 7.85
CA GLY A 11 13.61 37.01 7.28
C GLY A 11 14.96 37.33 6.65
N LEU A 12 16.00 37.04 7.39
CA LEU A 12 17.35 37.37 6.97
C LEU A 12 17.80 36.58 5.75
N MET A 13 17.56 35.28 5.78
CA MET A 13 17.98 34.42 4.68
C MET A 13 17.18 34.75 3.42
N ALA A 14 15.90 35.08 3.54
CA ALA A 14 15.14 35.47 2.38
C ALA A 14 15.68 36.78 1.80
N ARG A 15 16.03 37.71 2.70
N ARG A 15 16.01 37.72 2.68
CA ARG A 15 16.58 39.02 2.31
CA ARG A 15 16.56 39.00 2.24
C ARG A 15 17.86 38.86 1.54
C ARG A 15 17.80 38.77 1.44
N ALA A 16 18.70 37.92 1.95
CA ALA A 16 19.95 37.66 1.25
C ALA A 16 19.74 37.31 -0.20
N ILE A 17 18.77 36.44 -0.50
CA ILE A 17 18.44 36.08 -1.88
C ILE A 17 17.91 37.28 -2.66
N GLU A 18 17.00 38.05 -2.08
N GLU A 18 16.98 38.02 -2.06
CA GLU A 18 16.44 39.20 -2.81
CA GLU A 18 16.41 39.25 -2.61
C GLU A 18 17.50 40.23 -3.11
C GLU A 18 17.49 40.19 -3.08
N LEU A 19 18.52 40.33 -2.24
CA LEU A 19 19.61 41.29 -2.52
C LEU A 19 20.48 40.82 -3.68
N VAL A 20 20.72 39.51 -3.77
CA VAL A 20 21.40 38.96 -4.93
C VAL A 20 20.61 39.24 -6.19
N ASP A 21 19.28 39.02 -6.12
CA ASP A 21 18.37 39.18 -7.24
C ASP A 21 18.45 40.61 -7.82
N VAL A 22 18.66 41.61 -6.96
CA VAL A 22 18.83 42.99 -7.45
C VAL A 22 20.27 43.47 -7.59
N GLY A 23 21.24 42.66 -7.19
CA GLY A 23 22.67 42.94 -7.42
C GLY A 23 23.24 44.02 -6.54
N ASP A 24 22.68 44.17 -5.34
CA ASP A 24 23.10 45.17 -4.39
C ASP A 24 24.32 44.72 -3.58
N ILE A 25 25.55 44.96 -4.09
CA ILE A 25 26.75 44.39 -3.48
C ILE A 25 26.92 44.85 -2.03
N GLU A 26 26.79 46.14 -1.76
CA GLU A 26 27.01 46.60 -0.38
C GLU A 26 26.02 45.97 0.58
N ALA A 27 24.74 45.92 0.18
CA ALA A 27 23.73 45.25 1.02
C ALA A 27 24.03 43.79 1.29
N ILE A 28 24.46 43.08 0.27
CA ILE A 28 24.83 41.66 0.42
C ILE A 28 25.97 41.53 1.45
N VAL A 29 27.00 42.34 1.26
CA VAL A 29 28.22 42.26 2.04
C VAL A 29 27.95 42.66 3.49
N GLN A 30 27.11 43.66 3.69
CA GLN A 30 26.82 44.11 5.04
C GLN A 30 26.11 43.08 5.90
N MET A 31 25.48 42.11 5.25
CA MET A 31 24.81 41.04 6.00
C MET A 31 25.83 40.09 6.61
N TYR A 32 27.06 40.07 6.07
CA TYR A 32 28.09 39.15 6.56
C TYR A 32 28.92 39.75 7.68
N ALA A 33 29.39 38.88 8.58
CA ALA A 33 30.41 39.27 9.56
C ALA A 33 31.67 39.68 8.83
N ASP A 34 32.47 40.53 9.47
CA ASP A 34 33.68 41.05 8.86
C ASP A 34 34.57 39.92 8.36
N ASP A 35 34.65 38.87 9.14
CA ASP A 35 35.53 37.75 8.82
C ASP A 35 34.78 36.45 8.56
N ALA A 36 33.62 36.57 7.91
CA ALA A 36 32.82 35.41 7.59
C ALA A 36 33.50 34.46 6.63
N THR A 37 33.01 33.21 6.62
CA THR A 37 33.51 32.21 5.70
C THR A 37 32.40 31.73 4.82
N VAL A 38 32.62 31.83 3.53
CA VAL A 38 31.73 31.34 2.47
C VAL A 38 32.35 30.17 1.73
N GLU A 39 31.60 29.07 1.62
CA GLU A 39 31.99 27.90 0.82
C GLU A 39 30.97 27.73 -0.27
N ASP A 40 31.35 28.03 -1.50
CA ASP A 40 30.33 28.16 -2.60
C ASP A 40 31.03 27.95 -3.93
N PRO A 41 30.97 26.69 -4.47
CA PRO A 41 30.25 25.52 -3.96
C PRO A 41 30.98 24.87 -2.77
N PHE A 42 30.20 24.33 -1.84
CA PHE A 42 30.75 23.51 -0.80
C PHE A 42 31.65 22.45 -1.44
N GLY A 43 32.83 22.25 -0.86
CA GLY A 43 33.86 21.41 -1.44
C GLY A 43 35.04 22.17 -2.00
N GLN A 44 34.79 23.40 -2.41
CA GLN A 44 35.85 24.27 -2.92
C GLN A 44 36.48 25.10 -1.82
N PRO A 45 37.64 25.70 -2.10
CA PRO A 45 38.28 26.39 -1.01
C PRO A 45 37.46 27.55 -0.46
N PRO A 46 37.59 27.83 0.82
CA PRO A 46 36.76 28.83 1.42
C PRO A 46 37.10 30.27 1.01
N ILE A 47 36.06 31.09 0.96
CA ILE A 47 36.19 32.54 0.74
C ILE A 47 36.06 33.18 2.12
N HIS A 48 37.01 34.02 2.53
CA HIS A 48 37.08 34.47 3.90
C HIS A 48 37.15 35.97 3.91
N GLY A 49 36.24 36.55 4.70
CA GLY A 49 36.25 37.99 4.96
C GLY A 49 35.47 38.81 3.96
N ARG A 50 35.00 39.96 4.43
CA ARG A 50 34.16 40.84 3.60
C ARG A 50 34.81 41.27 2.31
N GLU A 51 36.12 41.55 2.33
N GLU A 51 36.12 41.54 2.35
CA GLU A 51 36.80 41.95 1.09
CA GLU A 51 36.81 41.95 1.14
C GLU A 51 36.68 40.87 0.03
C GLU A 51 36.73 40.89 0.04
N GLN A 52 37.04 39.62 0.38
CA GLN A 52 37.02 38.52 -0.58
C GLN A 52 35.56 38.12 -0.93
N ILE A 53 34.65 38.22 0.03
N ILE A 53 34.67 38.23 0.04
CA ILE A 53 33.24 37.90 -0.20
CA ILE A 53 33.25 37.92 -0.14
C ILE A 53 32.64 38.94 -1.13
C ILE A 53 32.66 38.92 -1.12
N ALA A 54 33.00 40.19 -0.94
CA ALA A 54 32.49 41.25 -1.85
C ALA A 54 32.99 41.00 -3.26
N ALA A 55 34.26 40.62 -3.43
CA ALA A 55 34.83 40.33 -4.75
C ALA A 55 34.14 39.15 -5.41
N PHE A 56 33.84 38.13 -4.61
CA PHE A 56 33.10 36.97 -5.09
C PHE A 56 31.74 37.40 -5.66
N TYR A 57 30.96 38.14 -4.89
CA TYR A 57 29.64 38.59 -5.39
C TYR A 57 29.76 39.61 -6.52
N ARG A 58 30.74 40.51 -6.42
CA ARG A 58 30.90 41.52 -7.46
C ARG A 58 31.23 40.83 -8.77
N GLN A 59 32.14 39.87 -8.74
CA GLN A 59 32.51 39.15 -9.95
C GLN A 59 31.32 38.32 -10.49
N GLY A 60 30.62 37.62 -9.60
CA GLY A 60 29.46 36.82 -9.95
C GLY A 60 28.31 37.62 -10.53
N LEU A 61 28.10 38.81 -9.99
CA LEU A 61 26.89 39.60 -10.29
C LEU A 61 27.13 40.70 -11.28
N GLY A 62 28.40 41.03 -11.52
CA GLY A 62 28.76 41.92 -12.60
C GLY A 62 28.77 41.03 -13.82
N GLY A 63 28.11 41.42 -14.89
CA GLY A 63 27.39 42.70 -14.98
C GLY A 63 26.46 42.70 -16.17
N GLY A 64 25.19 42.35 -15.95
CA GLY A 64 24.65 41.98 -14.62
C GLY A 64 23.31 41.26 -14.75
N LYS A 65 23.29 40.21 -15.56
CA LYS A 65 22.07 39.48 -15.88
C LYS A 65 22.05 38.20 -15.05
N VAL A 66 21.94 38.39 -13.74
CA VAL A 66 21.78 37.28 -12.82
C VAL A 66 20.53 37.51 -12.00
N ARG A 67 19.72 36.47 -11.85
N ARG A 67 19.74 36.45 -11.84
CA ARG A 67 18.55 36.56 -11.00
CA ARG A 67 18.54 36.53 -11.04
C ARG A 67 18.65 35.43 -9.98
C ARG A 67 18.59 35.39 -10.02
N ALA A 68 17.96 35.58 -8.86
CA ALA A 68 17.95 34.53 -7.80
C ALA A 68 16.61 34.56 -7.09
N CYS A 69 16.04 33.40 -6.75
N CYS A 69 16.02 33.36 -6.96
CA CYS A 69 14.71 33.37 -6.09
CA CYS A 69 14.70 33.16 -6.39
C CYS A 69 14.53 32.17 -5.15
C CYS A 69 14.70 32.05 -5.39
N LEU A 70 13.99 32.38 -3.94
N LEU A 70 14.13 32.34 -4.24
CA LEU A 70 13.64 31.23 -3.11
CA LEU A 70 13.83 31.35 -3.23
C LEU A 70 12.74 30.35 -3.89
C LEU A 70 12.69 30.39 -3.65
N THR A 71 12.96 29.07 -3.70
CA THR A 71 12.07 28.08 -4.30
C THR A 71 11.41 27.22 -3.25
N GLY A 72 11.45 27.67 -2.02
CA GLY A 72 10.74 27.02 -0.94
C GLY A 72 10.96 27.78 0.33
N PRO A 73 10.34 27.36 1.41
CA PRO A 73 10.47 28.10 2.64
C PRO A 73 11.86 27.99 3.25
N VAL A 74 12.30 29.05 3.90
CA VAL A 74 13.49 28.96 4.75
C VAL A 74 13.19 28.06 5.95
N ARG A 75 14.07 27.08 6.15
CA ARG A 75 14.07 26.21 7.32
C ARG A 75 15.00 26.85 8.36
N ALA A 76 14.49 27.12 9.55
CA ALA A 76 15.27 27.87 10.56
C ALA A 76 15.27 27.12 11.85
N SER A 77 16.44 27.12 12.51
N SER A 77 16.43 27.14 12.53
CA SER A 77 16.60 26.58 13.86
CA SER A 77 16.55 26.58 13.88
C SER A 77 16.37 27.60 14.95
C SER A 77 16.38 27.62 14.96
N HIS A 78 16.54 27.15 16.19
CA HIS A 78 16.51 28.02 17.35
C HIS A 78 17.92 28.39 17.84
N ASN A 79 18.93 28.05 17.06
CA ASN A 79 20.30 28.41 17.39
C ASN A 79 20.93 29.25 16.31
N GLY A 80 20.12 30.08 15.65
CA GLY A 80 20.66 31.06 14.73
C GLY A 80 21.11 30.54 13.38
N CYS A 81 20.63 29.37 12.98
CA CYS A 81 21.01 28.80 11.71
C CYS A 81 19.76 28.53 10.86
N GLY A 82 20.01 28.36 9.59
CA GLY A 82 18.98 27.99 8.66
C GLY A 82 19.47 27.48 7.36
N ALA A 83 18.52 27.01 6.55
CA ALA A 83 18.85 26.47 5.22
C ALA A 83 17.73 26.84 4.28
N MET A 84 18.07 27.05 3.02
CA MET A 84 17.05 27.50 2.06
C MET A 84 17.35 26.94 0.70
N PRO A 85 16.28 26.61 -0.04
CA PRO A 85 16.49 26.22 -1.41
C PRO A 85 16.23 27.38 -2.40
N PHE A 86 17.02 27.53 -3.45
CA PHE A 86 16.80 28.60 -4.38
C PHE A 86 17.34 28.24 -5.76
N ARG A 87 16.99 29.08 -6.75
N ARG A 87 17.07 29.14 -6.69
CA ARG A 87 17.44 28.91 -8.13
CA ARG A 87 17.44 28.97 -8.08
C ARG A 87 18.07 30.24 -8.60
C ARG A 87 18.16 30.26 -8.44
N VAL A 88 19.27 30.10 -9.13
CA VAL A 88 19.98 31.23 -9.75
C VAL A 88 19.92 31.10 -11.25
N GLU A 89 19.65 32.23 -11.94
CA GLU A 89 19.61 32.27 -13.38
C GLU A 89 20.79 33.13 -13.82
N MET A 90 21.61 32.60 -14.73
N MET A 90 21.58 32.65 -14.78
CA MET A 90 22.83 33.28 -15.16
CA MET A 90 22.73 33.42 -15.24
C MET A 90 23.27 32.80 -16.55
C MET A 90 23.07 33.02 -16.67
N VAL A 91 24.21 33.54 -17.14
CA VAL A 91 24.75 33.23 -18.46
C VAL A 91 26.09 32.51 -18.29
N TRP A 92 26.14 31.24 -18.65
CA TRP A 92 27.40 30.54 -18.91
C TRP A 92 27.39 30.20 -20.42
N ASN A 93 28.31 30.82 -21.17
CA ASN A 93 28.50 30.58 -22.63
C ASN A 93 27.44 31.13 -23.59
N GLY A 94 26.73 32.17 -23.17
N GLY A 94 26.71 32.17 -23.20
CA GLY A 94 25.64 32.75 -23.97
CA GLY A 94 25.64 32.72 -24.06
C GLY A 94 24.31 32.08 -23.68
C GLY A 94 24.44 31.81 -24.08
N GLN A 95 24.37 30.78 -23.38
N GLN A 95 24.42 30.88 -23.13
CA GLN A 95 23.17 30.03 -23.15
CA GLN A 95 23.31 29.98 -22.94
C GLN A 95 22.62 30.44 -21.79
C GLN A 95 22.63 30.46 -21.67
N PRO A 96 21.33 30.80 -21.74
CA PRO A 96 20.67 31.07 -20.47
C PRO A 96 20.71 29.78 -19.66
N CYS A 97 21.09 29.89 -18.38
CA CYS A 97 21.25 28.71 -17.54
C CYS A 97 20.56 28.91 -16.22
N ALA A 98 20.26 27.82 -15.55
CA ALA A 98 19.72 27.88 -14.19
C ALA A 98 20.48 26.92 -13.33
N LEU A 99 20.64 27.31 -12.07
CA LEU A 99 21.38 26.53 -11.09
C LEU A 99 20.54 26.38 -9.85
N ASP A 100 20.26 25.15 -9.45
CA ASP A 100 19.55 24.92 -8.18
C ASP A 100 20.60 24.78 -7.10
N VAL A 101 20.33 25.47 -5.99
CA VAL A 101 21.29 25.58 -4.84
C VAL A 101 20.52 25.51 -3.51
N ILE A 102 21.17 24.97 -2.48
CA ILE A 102 20.69 25.13 -1.10
C ILE A 102 21.85 25.80 -0.36
N ALA A 103 21.52 26.87 0.35
CA ALA A 103 22.47 27.54 1.24
C ALA A 103 22.10 27.30 2.65
N VAL A 104 23.11 26.96 3.44
CA VAL A 104 23.02 26.89 4.87
C VAL A 104 23.81 28.05 5.46
N MET A 105 23.19 28.74 6.42
CA MET A 105 23.79 29.91 7.11
C MET A 105 23.75 29.76 8.61
N ARG A 106 24.83 30.25 9.22
CA ARG A 106 24.87 30.45 10.65
C ARG A 106 25.07 31.91 10.92
N PHE A 107 24.26 32.42 11.84
CA PHE A 107 24.26 33.86 12.21
C PHE A 107 24.88 34.02 13.58
N ASP A 108 25.51 35.17 13.79
CA ASP A 108 26.02 35.51 15.10
C ASP A 108 25.04 36.32 15.92
N GLU A 109 25.46 36.70 17.12
CA GLU A 109 24.60 37.44 18.04
C GLU A 109 24.34 38.88 17.59
N HIS A 110 25.05 39.37 16.59
CA HIS A 110 24.77 40.67 16.01
C HIS A 110 23.88 40.56 14.81
N GLY A 111 23.45 39.33 14.48
CA GLY A 111 22.54 39.16 13.36
C GLY A 111 23.24 39.11 12.03
N ARG A 112 24.55 38.95 12.05
CA ARG A 112 25.35 38.84 10.83
C ARG A 112 25.66 37.38 10.50
N ILE A 113 25.91 37.13 9.21
CA ILE A 113 26.19 35.76 8.71
C ILE A 113 27.67 35.46 9.03
N GLN A 114 27.89 34.44 9.85
CA GLN A 114 29.22 33.99 10.19
C GLN A 114 29.74 32.98 9.18
N THR A 115 28.88 32.04 8.79
CA THR A 115 29.25 31.06 7.79
C THR A 115 28.10 30.87 6.82
N MET A 116 28.45 30.64 5.59
CA MET A 116 27.53 30.19 4.58
C MET A 116 28.12 29.06 3.78
N GLN A 117 27.37 27.94 3.66
N GLN A 117 27.32 28.02 3.51
CA GLN A 117 27.71 26.85 2.75
CA GLN A 117 27.77 26.91 2.69
C GLN A 117 26.65 26.81 1.65
C GLN A 117 26.70 26.64 1.68
N ALA A 118 27.10 26.71 0.40
CA ALA A 118 26.15 26.62 -0.74
C ALA A 118 26.44 25.32 -1.45
N TYR A 119 25.45 24.41 -1.46
CA TYR A 119 25.56 23.10 -2.08
C TYR A 119 24.99 23.13 -3.47
N TRP A 120 25.80 22.74 -4.44
CA TRP A 120 25.49 22.59 -5.83
C TRP A 120 26.71 22.04 -6.56
N SER A 121 26.47 21.41 -7.71
CA SER A 121 27.51 21.06 -8.66
C SER A 121 26.86 21.06 -10.03
N GLU A 122 27.59 20.56 -11.01
N GLU A 122 27.60 20.55 -11.03
CA GLU A 122 27.11 20.63 -12.38
CA GLU A 122 27.11 20.54 -12.43
C GLU A 122 25.85 19.75 -12.65
C GLU A 122 25.79 19.81 -12.59
N VAL A 123 25.54 18.78 -11.78
CA VAL A 123 24.25 18.06 -11.82
C VAL A 123 23.07 18.97 -11.55
N ASN A 124 23.29 20.10 -10.90
CA ASN A 124 22.27 21.10 -10.58
C ASN A 124 22.18 22.25 -11.57
N LEU A 125 22.93 22.14 -12.66
CA LEU A 125 22.97 23.18 -13.68
C LEU A 125 22.16 22.72 -14.90
N SER A 126 21.27 23.59 -15.39
CA SER A 126 20.39 23.31 -16.55
C SER A 126 20.33 24.52 -17.49
N VAL A 127 19.92 24.28 -18.74
CA VAL A 127 19.71 25.39 -19.68
C VAL A 127 18.24 25.80 -19.57
N ARG A 128 17.98 27.10 -19.75
CA ARG A 128 16.62 27.64 -19.62
C ARG A 128 16.07 27.89 -20.99
N GLU A 129 14.74 28.00 -21.09
CA GLU A 129 14.10 28.55 -22.31
C GLU A 129 14.20 30.10 -22.27
N PRO A 130 14.53 30.71 -23.43
CA PRO A 130 14.61 32.20 -23.54
C PRO A 130 13.37 32.96 -23.07
N ASN B 2 36.88 5.76 -3.25
CA ASN B 2 36.38 7.11 -3.61
C ASN B 2 35.11 7.43 -2.84
N LEU B 3 34.87 8.71 -2.60
CA LEU B 3 33.58 9.16 -2.09
C LEU B 3 32.55 8.99 -3.22
N PRO B 4 31.26 8.84 -2.89
CA PRO B 4 30.19 8.88 -3.90
C PRO B 4 30.28 10.13 -4.73
N THR B 5 30.08 9.97 -6.04
CA THR B 5 30.06 11.06 -6.99
C THR B 5 28.83 11.93 -6.69
N ALA B 6 28.79 13.10 -7.28
CA ALA B 6 27.61 14.00 -7.10
C ALA B 6 26.33 13.26 -7.46
N GLN B 7 26.33 12.59 -8.61
N GLN B 7 26.32 12.59 -8.59
CA GLN B 7 25.17 11.81 -9.07
CA GLN B 7 25.16 11.82 -9.04
C GLN B 7 24.77 10.71 -8.07
C GLN B 7 24.77 10.72 -8.06
N GLU B 8 25.78 10.03 -7.51
CA GLU B 8 25.54 8.97 -6.53
C GLU B 8 24.97 9.56 -5.29
N VAL B 9 25.49 10.72 -4.88
CA VAL B 9 24.91 11.41 -3.72
C VAL B 9 23.38 11.70 -3.92
N GLN B 10 23.05 12.22 -5.08
CA GLN B 10 21.64 12.50 -5.41
C GLN B 10 20.78 11.24 -5.25
N GLY B 11 21.28 10.12 -5.75
CA GLY B 11 20.58 8.84 -5.64
C GLY B 11 20.45 8.34 -4.21
N LEU B 12 21.53 8.45 -3.44
CA LEU B 12 21.49 8.03 -2.02
C LEU B 12 20.52 8.83 -1.16
N MET B 13 20.54 10.16 -1.34
CA MET B 13 19.76 11.05 -0.54
C MET B 13 18.28 10.89 -0.96
N ALA B 14 18.00 10.71 -2.24
CA ALA B 14 16.63 10.33 -2.63
C ALA B 14 16.17 8.99 -2.03
N ARG B 15 17.07 8.01 -1.96
N ARG B 15 17.07 8.02 -1.96
CA ARG B 15 16.70 6.70 -1.40
CA ARG B 15 16.75 6.69 -1.41
C ARG B 15 16.35 6.86 0.08
C ARG B 15 16.38 6.83 0.08
N ALA B 16 17.15 7.67 0.79
CA ALA B 16 16.85 7.95 2.20
C ALA B 16 15.43 8.46 2.39
N ILE B 17 14.95 9.34 1.51
CA ILE B 17 13.59 9.82 1.59
C ILE B 17 12.58 8.70 1.30
N GLU B 18 12.85 7.87 0.30
N GLU B 18 12.89 7.88 0.29
CA GLU B 18 11.92 6.78 -0.01
CA GLU B 18 12.03 6.75 -0.11
C GLU B 18 11.79 5.84 1.17
C GLU B 18 11.84 5.79 1.07
N LEU B 19 12.90 5.57 1.84
CA LEU B 19 12.85 4.65 2.99
C LEU B 19 12.08 5.21 4.17
N VAL B 20 12.16 6.52 4.40
CA VAL B 20 11.38 7.16 5.44
C VAL B 20 9.89 7.11 5.11
N ASP B 21 9.61 7.28 3.82
CA ASP B 21 8.24 7.25 3.31
C ASP B 21 7.54 5.93 3.58
N VAL B 22 8.28 4.83 3.57
CA VAL B 22 7.69 3.51 3.95
C VAL B 22 7.98 3.07 5.37
N GLY B 23 8.85 3.81 6.05
CA GLY B 23 9.06 3.64 7.50
C GLY B 23 9.91 2.44 7.81
N ASP B 24 10.73 2.02 6.83
CA ASP B 24 11.56 0.84 6.98
C ASP B 24 12.81 1.21 7.77
N ILE B 25 12.72 1.12 9.09
CA ILE B 25 13.78 1.60 9.97
C ILE B 25 15.06 0.81 9.80
N GLU B 26 14.99 -0.51 9.60
CA GLU B 26 16.23 -1.30 9.44
C GLU B 26 16.97 -0.81 8.20
N ALA B 27 16.24 -0.54 7.12
CA ALA B 27 16.90 -0.03 5.90
C ALA B 27 17.41 1.41 6.07
N ILE B 28 16.63 2.25 6.72
CA ILE B 28 17.06 3.63 7.04
C ILE B 28 18.41 3.60 7.76
N VAL B 29 18.47 2.82 8.82
CA VAL B 29 19.67 2.79 9.66
C VAL B 29 20.86 2.14 8.97
N GLN B 30 20.67 1.15 8.09
N GLN B 30 20.62 1.17 8.09
CA GLN B 30 21.79 0.56 7.37
CA GLN B 30 21.68 0.56 7.32
C GLN B 30 22.46 1.55 6.39
C GLN B 30 22.44 1.57 6.46
N MET B 31 21.77 2.64 6.06
CA MET B 31 22.40 3.67 5.25
C MET B 31 23.42 4.48 6.03
N TYR B 32 23.28 4.50 7.36
CA TYR B 32 24.22 5.24 8.20
C TYR B 32 25.45 4.41 8.49
N ALA B 33 26.62 5.07 8.51
CA ALA B 33 27.83 4.42 8.98
C ALA B 33 27.73 4.12 10.47
N ASP B 34 28.54 3.18 10.96
N ASP B 34 28.58 3.19 10.92
CA ASP B 34 28.59 3.01 12.41
CA ASP B 34 28.77 2.97 12.36
C ASP B 34 29.12 4.30 12.99
C ASP B 34 29.17 4.30 13.00
N ASP B 35 28.59 4.64 14.15
CA ASP B 35 28.92 5.85 14.89
C ASP B 35 28.66 7.15 14.12
N ALA B 36 27.73 7.11 13.15
CA ALA B 36 27.25 8.32 12.51
C ALA B 36 26.63 9.28 13.46
N THR B 37 26.73 10.57 13.14
CA THR B 37 26.17 11.65 13.95
C THR B 37 24.97 12.27 13.24
N VAL B 38 23.91 12.43 14.00
CA VAL B 38 22.68 13.06 13.52
C VAL B 38 22.33 14.22 14.39
N GLU B 39 22.03 15.36 13.76
CA GLU B 39 21.46 16.52 14.45
C GLU B 39 20.15 16.89 13.79
N ASP B 40 19.04 16.62 14.47
CA ASP B 40 17.71 16.76 13.85
C ASP B 40 16.68 16.94 14.96
N PRO B 41 16.18 18.17 15.17
CA PRO B 41 16.49 19.37 14.40
C PRO B 41 17.87 19.91 14.78
N PHE B 42 18.55 20.51 13.82
CA PHE B 42 19.78 21.19 14.11
C PHE B 42 19.52 22.22 15.24
N GLY B 43 20.43 22.22 16.21
CA GLY B 43 20.36 23.06 17.42
C GLY B 43 20.05 22.24 18.66
N GLN B 44 19.51 21.04 18.43
CA GLN B 44 19.35 20.05 19.51
C GLN B 44 20.58 19.21 19.61
N PRO B 45 20.77 18.52 20.76
CA PRO B 45 21.95 17.72 20.92
C PRO B 45 22.10 16.65 19.84
N PRO B 46 23.34 16.43 19.39
CA PRO B 46 23.56 15.40 18.42
C PRO B 46 23.37 14.03 19.06
N ILE B 47 22.94 13.09 18.26
CA ILE B 47 22.93 11.68 18.68
C ILE B 47 23.89 10.93 17.76
N HIS B 48 24.32 9.75 18.17
CA HIS B 48 25.26 9.04 17.32
C HIS B 48 25.12 7.54 17.46
N GLY B 49 25.36 6.87 16.35
CA GLY B 49 25.47 5.43 16.32
C GLY B 49 24.14 4.84 15.97
N ARG B 50 24.18 3.65 15.40
CA ARG B 50 23.01 3.06 14.76
C ARG B 50 21.84 2.81 15.72
N GLU B 51 22.16 2.47 16.97
N GLU B 51 22.11 2.48 16.98
CA GLU B 51 21.18 2.23 18.04
CA GLU B 51 21.00 2.19 17.89
C GLU B 51 20.38 3.49 18.32
C GLU B 51 20.33 3.50 18.42
N GLN B 52 21.10 4.57 18.64
CA GLN B 52 20.51 5.88 18.94
C GLN B 52 19.73 6.39 17.74
N ILE B 53 20.29 6.21 16.55
CA ILE B 53 19.63 6.69 15.30
C ILE B 53 18.34 5.91 15.07
N ALA B 54 18.37 4.57 15.22
CA ALA B 54 17.14 3.76 15.13
C ALA B 54 16.05 4.26 16.08
N ALA B 55 16.44 4.55 17.32
CA ALA B 55 15.50 4.97 18.37
C ALA B 55 14.88 6.31 17.99
N PHE B 56 15.70 7.18 17.40
CA PHE B 56 15.29 8.51 16.94
C PHE B 56 14.24 8.37 15.87
N TYR B 57 14.47 7.50 14.89
CA TYR B 57 13.52 7.32 13.80
C TYR B 57 12.25 6.68 14.32
N ARG B 58 12.37 5.73 15.25
N ARG B 58 12.39 5.77 15.29
CA ARG B 58 11.22 5.11 15.87
CA ARG B 58 11.26 5.11 15.94
C ARG B 58 10.37 6.18 16.57
C ARG B 58 10.38 6.06 16.71
N GLN B 59 10.98 7.10 17.32
CA GLN B 59 10.22 8.19 17.97
C GLN B 59 9.45 9.04 16.94
N GLY B 60 10.09 9.34 15.82
CA GLY B 60 9.49 10.21 14.78
C GLY B 60 8.43 9.49 13.97
N LEU B 61 8.55 8.18 13.88
CA LEU B 61 7.55 7.37 13.19
C LEU B 61 6.41 6.89 14.10
N GLY B 62 6.41 7.28 15.37
CA GLY B 62 5.53 6.66 16.39
C GLY B 62 4.04 6.92 16.20
N GLY B 63 3.72 8.01 15.51
CA GLY B 63 2.32 8.39 15.28
C GLY B 63 1.64 7.65 14.15
N GLY B 64 2.41 6.91 13.34
CA GLY B 64 1.81 5.92 12.44
C GLY B 64 1.90 6.15 10.94
N LYS B 65 1.12 7.08 10.43
CA LYS B 65 0.97 7.25 8.96
C LYS B 65 1.97 8.24 8.34
N VAL B 66 3.27 8.02 8.46
CA VAL B 66 4.22 9.04 7.95
C VAL B 66 4.55 8.90 6.48
N ARG B 67 4.59 10.03 5.79
N ARG B 67 4.50 10.01 5.74
CA ARG B 67 5.04 10.02 4.42
CA ARG B 67 4.92 10.04 4.33
C ARG B 67 6.15 11.05 4.29
C ARG B 67 6.02 11.08 4.21
N ALA B 68 6.95 10.89 3.27
CA ALA B 68 8.08 11.83 3.04
C ALA B 68 8.25 11.98 1.55
N CYS B 69 8.42 13.24 1.12
N CYS B 69 8.44 13.21 1.08
CA CYS B 69 8.49 13.61 -0.28
CA CYS B 69 8.57 13.43 -0.34
C CYS B 69 9.59 14.63 -0.52
C CYS B 69 9.54 14.59 -0.56
N LEU B 70 10.46 14.40 -1.49
CA LEU B 70 11.30 15.47 -1.96
C LEU B 70 10.45 16.58 -2.56
N THR B 71 10.84 17.82 -2.27
CA THR B 71 10.09 18.94 -2.81
C THR B 71 10.98 19.79 -3.70
N GLY B 72 12.08 19.20 -4.16
CA GLY B 72 12.98 19.84 -5.12
C GLY B 72 14.18 18.93 -5.32
N PRO B 73 15.09 19.32 -6.20
CA PRO B 73 16.23 18.44 -6.48
C PRO B 73 17.20 18.33 -5.38
N VAL B 74 17.85 17.18 -5.31
CA VAL B 74 18.98 17.05 -4.40
C VAL B 74 20.14 17.84 -4.96
N ARG B 75 20.71 18.71 -4.13
CA ARG B 75 21.93 19.43 -4.46
C ARG B 75 23.15 18.61 -3.98
N ALA B 76 24.15 18.42 -4.82
CA ALA B 76 25.26 17.56 -4.45
C ALA B 76 26.58 18.26 -4.76
N SER B 77 27.56 17.95 -3.94
CA SER B 77 28.92 18.41 -4.11
C SER B 77 29.81 17.30 -4.74
N HIS B 78 31.06 17.64 -4.97
CA HIS B 78 32.11 16.70 -5.37
C HIS B 78 32.92 16.13 -4.20
N ASN B 79 32.55 16.46 -2.97
CA ASN B 79 33.24 15.92 -1.77
C ASN B 79 32.33 15.04 -0.91
N GLY B 80 31.41 14.36 -1.59
CA GLY B 80 30.57 13.36 -0.96
C GLY B 80 29.48 13.91 -0.08
N CYS B 81 29.08 15.14 -0.34
CA CYS B 81 28.08 15.85 0.45
C CYS B 81 26.88 16.26 -0.39
N GLY B 82 25.74 16.42 0.24
CA GLY B 82 24.59 17.00 -0.43
C GLY B 82 23.54 17.53 0.51
N ALA B 83 22.56 18.18 -0.08
CA ALA B 83 21.50 18.84 0.66
C ALA B 83 20.20 18.70 -0.12
N MET B 84 19.11 18.44 0.59
CA MET B 84 17.83 18.21 -0.09
C MET B 84 16.69 18.84 0.68
N PRO B 85 15.67 19.37 -0.05
CA PRO B 85 14.44 19.86 0.51
C PRO B 85 13.36 18.79 0.44
N PHE B 86 12.62 18.65 1.50
CA PHE B 86 11.53 17.70 1.55
C PHE B 86 10.47 18.08 2.53
N ARG B 87 9.35 17.35 2.44
CA ARG B 87 8.22 17.55 3.31
CA ARG B 87 8.27 17.55 3.36
C ARG B 87 7.89 16.20 3.91
N VAL B 88 7.75 16.16 5.22
N VAL B 88 7.71 16.13 5.21
CA VAL B 88 7.23 14.97 5.92
CA VAL B 88 7.22 14.89 5.84
C VAL B 88 5.75 15.26 6.24
C VAL B 88 5.83 15.16 6.42
N GLU B 89 4.91 14.23 6.16
CA GLU B 89 3.50 14.34 6.53
C GLU B 89 3.27 13.29 7.58
N MET B 90 2.58 13.65 8.65
CA MET B 90 2.42 12.76 9.79
C MET B 90 1.05 13.03 10.37
N VAL B 91 0.54 12.08 11.14
CA VAL B 91 -0.64 12.32 11.92
C VAL B 91 -0.22 12.43 13.39
N TRP B 92 -0.48 13.62 13.95
CA TRP B 92 -0.14 13.99 15.31
C TRP B 92 -1.41 14.36 16.02
N ASN B 93 -1.73 13.65 17.08
CA ASN B 93 -2.93 13.93 17.85
C ASN B 93 -4.17 13.94 16.94
N GLY B 94 -4.22 12.97 16.04
CA GLY B 94 -5.36 12.80 15.15
C GLY B 94 -5.48 13.80 14.03
N GLN B 95 -4.48 14.66 13.84
CA GLN B 95 -4.57 15.70 12.82
C GLN B 95 -3.47 15.48 11.80
N PRO B 96 -3.78 15.72 10.52
CA PRO B 96 -2.77 15.71 9.48
C PRO B 96 -1.85 16.92 9.61
N CYS B 97 -0.57 16.64 9.82
CA CYS B 97 0.45 17.68 9.99
C CYS B 97 1.52 17.51 8.91
N ALA B 98 2.32 18.56 8.72
CA ALA B 98 3.44 18.47 7.78
C ALA B 98 4.60 19.30 8.32
N LEU B 99 5.81 18.87 7.99
CA LEU B 99 7.00 19.67 8.30
C LEU B 99 7.80 19.80 7.03
N ASP B 100 8.19 21.05 6.70
CA ASP B 100 9.22 21.29 5.65
C ASP B 100 10.61 21.24 6.27
N VAL B 101 11.46 20.44 5.67
CA VAL B 101 12.80 20.15 6.20
C VAL B 101 13.85 20.24 5.12
N ILE B 102 15.06 20.63 5.50
CA ILE B 102 16.22 20.44 4.65
C ILE B 102 17.22 19.56 5.40
N ALA B 103 17.69 18.51 4.74
CA ALA B 103 18.77 17.69 5.32
C ALA B 103 20.03 17.78 4.51
N VAL B 104 21.14 17.91 5.24
CA VAL B 104 22.47 17.90 4.68
C VAL B 104 23.13 16.61 5.13
N MET B 105 23.77 15.90 4.20
CA MET B 105 24.44 14.64 4.53
C MET B 105 25.85 14.67 3.98
N ARG B 106 26.73 13.97 4.70
CA ARG B 106 28.08 13.69 4.25
C ARG B 106 28.26 12.17 4.23
N PHE B 107 28.78 11.63 3.14
CA PHE B 107 28.94 10.18 2.98
C PHE B 107 30.42 9.78 3.02
N ASP B 108 30.68 8.62 3.57
CA ASP B 108 31.98 7.97 3.56
C ASP B 108 32.27 7.29 2.23
N GLU B 109 33.47 6.71 2.11
N GLU B 109 33.47 6.71 2.13
CA GLU B 109 33.88 6.07 0.85
CA GLU B 109 33.88 6.00 0.92
C GLU B 109 33.30 4.66 0.62
C GLU B 109 33.01 4.78 0.63
N HIS B 110 32.31 4.24 1.42
N HIS B 110 32.38 4.23 1.67
CA HIS B 110 31.46 3.08 1.08
CA HIS B 110 31.48 3.10 1.51
C HIS B 110 30.02 3.48 0.96
C HIS B 110 30.06 3.48 1.04
N GLY B 111 29.79 4.78 0.79
CA GLY B 111 28.45 5.25 0.50
C GLY B 111 27.50 5.25 1.68
N ARG B 112 28.07 5.25 2.90
CA ARG B 112 27.24 5.35 4.08
C ARG B 112 27.32 6.73 4.71
N ILE B 113 26.28 7.12 5.42
CA ILE B 113 26.19 8.49 5.95
C ILE B 113 27.04 8.62 7.22
N GLN B 114 27.97 9.56 7.23
CA GLN B 114 28.79 9.90 8.41
C GLN B 114 28.10 10.87 9.31
N THR B 115 27.53 11.92 8.69
CA THR B 115 26.81 12.95 9.42
C THR B 115 25.58 13.39 8.65
N MET B 116 24.57 13.74 9.42
CA MET B 116 23.33 14.34 8.89
C MET B 116 22.91 15.46 9.82
N GLN B 117 22.52 16.57 9.17
CA GLN B 117 21.93 17.72 9.84
C GLN B 117 20.61 18.01 9.19
N ALA B 118 19.56 18.14 9.98
CA ALA B 118 18.21 18.45 9.46
C ALA B 118 17.76 19.76 10.06
N TYR B 119 17.40 20.71 9.18
CA TYR B 119 16.98 22.04 9.56
C TYR B 119 15.47 22.15 9.44
N TRP B 120 14.86 22.61 10.54
CA TRP B 120 13.42 22.87 10.65
C TRP B 120 13.12 23.35 12.07
N SER B 121 12.01 24.03 12.20
CA SER B 121 11.43 24.33 13.49
C SER B 121 9.94 24.50 13.29
N GLU B 122 9.27 25.04 14.29
CA GLU B 122 7.83 25.31 14.24
C GLU B 122 7.46 26.28 13.13
N VAL B 123 8.43 27.09 12.67
CA VAL B 123 8.14 27.97 11.55
C VAL B 123 7.91 27.20 10.26
N ASN B 124 8.16 25.89 10.28
CA ASN B 124 8.06 25.00 9.09
C ASN B 124 6.93 23.97 9.24
N LEU B 125 6.08 24.20 10.24
N LEU B 125 6.11 24.13 10.27
CA LEU B 125 4.96 23.33 10.56
CA LEU B 125 5.06 23.15 10.60
C LEU B 125 3.70 23.64 9.77
C LEU B 125 3.68 23.56 10.04
N SER B 126 2.96 22.59 9.47
CA SER B 126 1.54 22.73 9.11
C SER B 126 0.74 21.73 9.98
N VAL B 127 -0.40 22.21 10.52
CA VAL B 127 -1.30 21.39 11.32
C VAL B 127 -2.69 21.74 10.83
N ARG B 128 -3.47 20.77 10.37
CA ARG B 128 -4.83 21.07 9.87
C ARG B 128 -5.86 20.16 10.50
N GLU B 129 -7.12 20.46 10.23
CA GLU B 129 -8.21 19.69 10.80
C GLU B 129 -8.25 18.28 10.20
N PRO B 130 -8.68 17.30 10.98
CA PRO B 130 -8.87 16.00 10.34
C PRO B 130 -10.03 16.08 9.33
N GLN B 131 -9.92 15.34 8.23
CA GLN B 131 -11.05 15.16 7.29
C GLN B 131 -10.84 13.91 6.44
N MET C 1 -17.40 -16.71 -29.06
CA MET C 1 -17.82 -16.56 -27.65
C MET C 1 -17.80 -17.97 -27.03
N ASN C 2 -17.59 -18.06 -25.73
CA ASN C 2 -17.53 -19.37 -25.07
C ASN C 2 -17.59 -19.24 -23.58
N LEU C 3 -18.18 -20.23 -22.92
CA LEU C 3 -18.11 -20.28 -21.47
C LEU C 3 -16.66 -20.47 -21.07
N PRO C 4 -16.24 -19.83 -19.99
CA PRO C 4 -14.89 -20.15 -19.47
C PRO C 4 -14.72 -21.62 -19.22
N THR C 5 -13.52 -22.10 -19.48
CA THR C 5 -13.09 -23.46 -19.08
C THR C 5 -13.10 -23.58 -17.55
N ALA C 6 -12.99 -24.82 -17.05
CA ALA C 6 -12.94 -25.00 -15.57
C ALA C 6 -11.77 -24.24 -14.99
N GLN C 7 -10.61 -24.29 -15.66
CA GLN C 7 -9.43 -23.54 -15.23
C GLN C 7 -9.64 -22.03 -15.23
N GLU C 8 -10.36 -21.54 -16.24
CA GLU C 8 -10.66 -20.12 -16.31
C GLU C 8 -11.59 -19.66 -15.24
N VAL C 9 -12.59 -20.49 -14.93
CA VAL C 9 -13.47 -20.24 -13.78
C VAL C 9 -12.67 -20.12 -12.48
N GLN C 10 -11.73 -21.02 -12.25
CA GLN C 10 -10.89 -20.93 -11.04
C GLN C 10 -10.16 -19.60 -11.02
N GLY C 11 -9.59 -19.18 -12.14
CA GLY C 11 -8.89 -17.91 -12.22
C GLY C 11 -9.74 -16.69 -11.97
N LEU C 12 -10.90 -16.66 -12.64
CA LEU C 12 -11.83 -15.56 -12.49
C LEU C 12 -12.35 -15.45 -11.06
N MET C 13 -12.74 -16.58 -10.45
CA MET C 13 -13.29 -16.53 -9.10
C MET C 13 -12.23 -16.13 -8.12
N ALA C 14 -11.02 -16.63 -8.31
CA ALA C 14 -9.88 -16.19 -7.45
C ALA C 14 -9.60 -14.71 -7.63
N ARG C 15 -9.67 -14.21 -8.87
CA ARG C 15 -9.49 -12.77 -9.14
C ARG C 15 -10.50 -11.95 -8.38
N ALA C 16 -11.76 -12.37 -8.39
CA ALA C 16 -12.81 -11.61 -7.71
C ALA C 16 -12.44 -11.42 -6.23
N ILE C 17 -11.96 -12.49 -5.57
CA ILE C 17 -11.55 -12.39 -4.17
C ILE C 17 -10.35 -11.43 -4.00
N GLU C 18 -9.34 -11.56 -4.86
N GLU C 18 -9.36 -11.56 -4.88
CA GLU C 18 -8.15 -10.68 -4.82
CA GLU C 18 -8.15 -10.75 -4.81
C GLU C 18 -8.60 -9.24 -4.90
C GLU C 18 -8.44 -9.28 -5.08
N LEU C 19 -9.52 -8.96 -5.80
CA LEU C 19 -10.00 -7.59 -5.95
C LEU C 19 -10.70 -7.09 -4.67
N VAL C 20 -11.46 -7.96 -4.01
CA VAL C 20 -12.10 -7.59 -2.73
C VAL C 20 -11.05 -7.29 -1.65
N ASP C 21 -9.96 -8.06 -1.64
CA ASP C 21 -8.89 -7.95 -0.65
C ASP C 21 -8.20 -6.58 -0.74
N VAL C 22 -8.16 -6.01 -1.94
CA VAL C 22 -7.54 -4.67 -2.12
C VAL C 22 -8.58 -3.55 -2.25
N GLY C 23 -9.84 -3.88 -2.05
CA GLY C 23 -10.95 -2.93 -2.03
C GLY C 23 -11.33 -2.37 -3.39
N ASP C 24 -10.93 -3.06 -4.46
CA ASP C 24 -11.12 -2.54 -5.81
C ASP C 24 -12.53 -2.85 -6.30
N ILE C 25 -13.50 -2.18 -5.68
CA ILE C 25 -14.91 -2.30 -6.02
C ILE C 25 -15.19 -2.19 -7.52
N GLU C 26 -14.73 -1.12 -8.19
CA GLU C 26 -15.07 -0.90 -9.61
C GLU C 26 -14.55 -2.02 -10.53
N ALA C 27 -13.38 -2.59 -10.22
CA ALA C 27 -12.87 -3.77 -10.97
C ALA C 27 -13.79 -4.98 -10.80
N ILE C 28 -14.29 -5.16 -9.59
CA ILE C 28 -15.20 -6.27 -9.28
C ILE C 28 -16.47 -6.08 -10.12
N VAL C 29 -16.99 -4.87 -10.07
CA VAL C 29 -18.20 -4.53 -10.80
C VAL C 29 -18.10 -4.82 -12.30
N GLN C 30 -16.95 -4.52 -12.89
N GLN C 30 -16.94 -4.55 -12.89
CA GLN C 30 -16.67 -4.81 -14.31
CA GLN C 30 -16.68 -4.83 -14.30
C GLN C 30 -16.80 -6.29 -14.63
C GLN C 30 -16.74 -6.29 -14.65
N MET C 31 -16.54 -7.15 -13.64
CA MET C 31 -16.57 -8.58 -13.83
C MET C 31 -17.98 -9.11 -14.02
N TYR C 32 -18.97 -8.32 -13.57
CA TYR C 32 -20.35 -8.72 -13.63
C TYR C 32 -20.96 -8.32 -14.96
N ALA C 33 -21.88 -9.17 -15.41
CA ALA C 33 -22.75 -8.84 -16.55
C ALA C 33 -23.63 -7.63 -16.22
N ASP C 34 -24.03 -6.90 -17.25
N ASP C 34 -24.01 -6.90 -17.26
CA ASP C 34 -24.84 -5.70 -17.07
CA ASP C 34 -24.90 -5.74 -17.18
C ASP C 34 -26.09 -5.99 -16.22
C ASP C 34 -26.11 -5.98 -16.28
N ASP C 35 -26.72 -7.15 -16.49
CA ASP C 35 -27.99 -7.54 -15.88
C ASP C 35 -27.79 -8.69 -14.89
N ALA C 36 -26.61 -8.78 -14.30
CA ALA C 36 -26.33 -9.85 -13.37
C ALA C 36 -27.23 -9.81 -12.13
N THR C 37 -27.33 -10.95 -11.43
N THR C 37 -27.37 -10.95 -11.47
CA THR C 37 -28.15 -11.12 -10.21
CA THR C 37 -28.01 -10.97 -10.17
C THR C 37 -27.27 -11.60 -9.04
C THR C 37 -27.03 -11.38 -9.09
N VAL C 38 -27.29 -10.89 -7.89
CA VAL C 38 -26.53 -11.26 -6.70
C VAL C 38 -27.52 -11.55 -5.58
N GLU C 39 -27.25 -12.63 -4.87
CA GLU C 39 -27.98 -12.97 -3.65
C GLU C 39 -26.93 -13.08 -2.57
N ASP C 40 -26.97 -12.16 -1.62
CA ASP C 40 -25.89 -12.04 -0.64
C ASP C 40 -26.43 -11.31 0.59
N PRO C 41 -26.80 -12.05 1.64
CA PRO C 41 -26.72 -13.51 1.76
C PRO C 41 -27.85 -14.24 0.99
N PHE C 42 -27.58 -15.44 0.51
CA PHE C 42 -28.62 -16.30 -0.02
C PHE C 42 -29.77 -16.39 0.99
N GLY C 43 -31.00 -16.22 0.50
CA GLY C 43 -32.16 -16.10 1.35
C GLY C 43 -32.76 -14.72 1.37
N GLN C 44 -31.98 -13.72 0.98
CA GLN C 44 -32.45 -12.34 0.90
C GLN C 44 -32.89 -12.01 -0.51
N PRO C 45 -33.64 -10.90 -0.64
CA PRO C 45 -34.00 -10.46 -1.95
C PRO C 45 -32.76 -10.17 -2.80
N PRO C 46 -32.81 -10.52 -4.09
CA PRO C 46 -31.64 -10.33 -4.89
C PRO C 46 -31.46 -8.91 -5.28
N ILE C 47 -30.24 -8.61 -5.67
CA ILE C 47 -29.99 -7.34 -6.27
C ILE C 47 -29.69 -7.58 -7.73
N HIS C 48 -30.29 -6.73 -8.54
CA HIS C 48 -30.29 -6.92 -9.97
C HIS C 48 -29.59 -5.76 -10.65
N GLY C 49 -28.62 -6.09 -11.50
CA GLY C 49 -27.96 -5.07 -12.32
C GLY C 49 -26.66 -4.59 -11.72
N ARG C 50 -25.72 -4.28 -12.61
CA ARG C 50 -24.40 -3.90 -12.22
C ARG C 50 -24.36 -2.68 -11.31
N GLU C 51 -25.15 -1.66 -11.65
N GLU C 51 -25.17 -1.65 -11.56
CA GLU C 51 -25.22 -0.40 -10.89
CA GLU C 51 -25.18 -0.46 -10.69
C GLU C 51 -25.70 -0.65 -9.47
C GLU C 51 -25.67 -0.78 -9.28
N GLN C 52 -26.68 -1.54 -9.34
N GLN C 52 -26.75 -1.54 -9.17
CA GLN C 52 -27.23 -1.90 -8.05
CA GLN C 52 -27.24 -1.87 -7.87
C GLN C 52 -26.22 -2.66 -7.23
C GLN C 52 -26.23 -2.75 -7.14
N ILE C 53 -25.50 -3.57 -7.89
CA ILE C 53 -24.48 -4.43 -7.26
C ILE C 53 -23.33 -3.53 -6.78
N ALA C 54 -22.92 -2.59 -7.62
CA ALA C 54 -21.88 -1.61 -7.23
C ALA C 54 -22.33 -0.83 -6.00
N ALA C 55 -23.54 -0.29 -6.02
CA ALA C 55 -24.04 0.47 -4.89
C ALA C 55 -24.09 -0.35 -3.62
N PHE C 56 -24.54 -1.60 -3.75
CA PHE C 56 -24.71 -2.47 -2.60
C PHE C 56 -23.40 -2.70 -1.85
N TYR C 57 -22.36 -3.09 -2.58
CA TYR C 57 -21.04 -3.36 -1.99
C TYR C 57 -20.50 -2.04 -1.36
N ARG C 58 -20.58 -0.93 -2.10
N ARG C 58 -20.59 -0.94 -2.11
CA ARG C 58 -20.02 0.33 -1.63
CA ARG C 58 -20.02 0.33 -1.63
C ARG C 58 -20.57 0.82 -0.29
C ARG C 58 -20.58 0.83 -0.29
N GLN C 59 -21.66 0.21 0.19
CA GLN C 59 -22.05 0.34 1.60
C GLN C 59 -21.04 -0.43 2.48
N GLY C 60 -20.63 -1.61 2.04
CA GLY C 60 -19.74 -2.50 2.81
C GLY C 60 -18.25 -2.53 2.48
N LEU C 61 -17.82 -1.75 1.49
CA LEU C 61 -16.40 -1.66 1.10
C LEU C 61 -15.88 -0.21 0.84
N GLY C 62 -16.77 0.79 0.93
CA GLY C 62 -16.41 2.19 0.79
C GLY C 62 -15.68 2.77 2.01
N GLY C 63 -15.83 2.12 3.16
CA GLY C 63 -15.03 2.44 4.34
C GLY C 63 -13.54 2.14 4.18
N GLY C 64 -13.21 1.19 3.29
CA GLY C 64 -11.81 0.87 2.94
C GLY C 64 -11.12 0.04 4.00
N LYS C 65 -11.91 -0.70 4.77
CA LYS C 65 -11.41 -1.55 5.83
C LYS C 65 -12.01 -2.93 5.59
N VAL C 66 -11.72 -3.50 4.42
CA VAL C 66 -12.20 -4.87 4.09
C VAL C 66 -11.07 -5.71 3.51
N ARG C 67 -11.01 -6.97 3.92
CA ARG C 67 -9.99 -7.87 3.45
C ARG C 67 -10.69 -9.17 3.16
N ALA C 68 -10.17 -9.94 2.22
CA ALA C 68 -10.82 -11.22 1.83
C ALA C 68 -9.73 -12.18 1.36
N CYS C 69 -9.91 -13.46 1.67
N CYS C 69 -9.85 -13.45 1.72
CA CYS C 69 -8.95 -14.50 1.38
CA CYS C 69 -8.87 -14.50 1.40
C CYS C 69 -9.66 -15.78 1.02
C CYS C 69 -9.62 -15.78 1.05
N LEU C 70 -9.28 -16.39 -0.09
CA LEU C 70 -9.75 -17.74 -0.40
C LEU C 70 -9.19 -18.70 0.60
N THR C 71 -10.04 -19.53 1.16
CA THR C 71 -9.59 -20.47 2.17
C THR C 71 -9.55 -21.91 1.61
N GLY C 72 -9.72 -22.11 0.32
CA GLY C 72 -9.53 -23.42 -0.25
C GLY C 72 -9.60 -23.22 -1.75
N PRO C 73 -9.39 -24.33 -2.49
CA PRO C 73 -9.46 -24.33 -3.93
C PRO C 73 -10.83 -23.90 -4.45
N VAL C 74 -10.83 -23.21 -5.60
CA VAL C 74 -12.07 -23.00 -6.32
C VAL C 74 -12.52 -24.31 -6.99
N ARG C 75 -13.77 -24.71 -6.73
CA ARG C 75 -14.41 -25.87 -7.40
C ARG C 75 -15.06 -25.32 -8.67
N ALA C 76 -14.68 -25.86 -9.83
CA ALA C 76 -15.20 -25.38 -11.14
C ALA C 76 -15.83 -26.52 -11.91
N SER C 77 -16.94 -26.19 -12.58
CA SER C 77 -17.59 -27.09 -13.50
C SER C 77 -17.11 -26.89 -14.94
N HIS C 78 -17.73 -27.64 -15.86
CA HIS C 78 -17.47 -27.47 -17.25
C HIS C 78 -18.65 -26.77 -17.95
N ASN C 79 -19.57 -26.19 -17.17
CA ASN C 79 -20.62 -25.33 -17.76
C ASN C 79 -20.54 -23.90 -17.25
N GLY C 80 -19.33 -23.42 -16.99
CA GLY C 80 -19.14 -22.02 -16.67
C GLY C 80 -19.48 -21.61 -15.23
N CYS C 81 -19.54 -22.56 -14.30
CA CYS C 81 -19.94 -22.31 -12.94
C CYS C 81 -18.86 -22.77 -11.99
N GLY C 82 -18.92 -22.20 -10.81
CA GLY C 82 -18.00 -22.60 -9.74
C GLY C 82 -18.42 -22.19 -8.36
N ALA C 83 -17.69 -22.70 -7.36
CA ALA C 83 -17.97 -22.39 -5.98
C ALA C 83 -16.64 -22.25 -5.24
N MET C 84 -16.56 -21.34 -4.28
CA MET C 84 -15.35 -21.12 -3.52
C MET C 84 -15.61 -20.79 -2.11
N PRO C 85 -14.72 -21.27 -1.21
CA PRO C 85 -14.82 -20.87 0.18
C PRO C 85 -13.87 -19.73 0.47
N PHE C 86 -14.29 -18.78 1.29
CA PHE C 86 -13.46 -17.64 1.63
C PHE C 86 -13.86 -17.06 2.95
N ARG C 87 -12.99 -16.19 3.47
N ARG C 87 -13.01 -16.16 3.46
CA ARG C 87 -13.23 -15.43 4.67
CA ARG C 87 -13.22 -15.48 4.70
C ARG C 87 -13.14 -13.96 4.31
C ARG C 87 -12.98 -13.98 4.48
N VAL C 88 -14.01 -13.18 4.93
N VAL C 88 -13.98 -13.20 4.79
CA VAL C 88 -14.07 -11.73 4.75
CA VAL C 88 -13.88 -11.75 4.63
C VAL C 88 -13.96 -11.07 6.09
C VAL C 88 -13.99 -11.06 5.97
N GLU C 89 -13.24 -9.96 6.13
CA GLU C 89 -13.16 -9.20 7.35
C GLU C 89 -13.60 -7.81 7.00
N MET C 90 -14.46 -7.27 7.85
CA MET C 90 -15.08 -5.98 7.63
C MET C 90 -15.59 -5.49 8.99
N VAL C 91 -16.13 -4.29 9.02
CA VAL C 91 -16.71 -3.76 10.26
C VAL C 91 -18.23 -3.78 10.16
N TRP C 92 -18.87 -3.84 11.33
CA TRP C 92 -20.30 -3.54 11.57
C TRP C 92 -20.83 -4.58 12.57
N ASN C 93 -21.54 -4.17 13.62
CA ASN C 93 -21.87 -2.77 13.93
C ASN C 93 -20.76 -2.10 14.76
N GLY C 94 -19.93 -1.30 14.11
CA GLY C 94 -18.73 -0.77 14.75
C GLY C 94 -17.75 -1.83 15.25
N GLN C 95 -18.07 -3.11 15.01
CA GLN C 95 -17.28 -4.22 15.53
C GLN C 95 -16.45 -4.82 14.40
N PRO C 96 -15.16 -5.09 14.66
CA PRO C 96 -14.37 -5.83 13.69
C PRO C 96 -14.78 -7.29 13.69
N CYS C 97 -15.21 -7.75 12.54
CA CYS C 97 -15.74 -9.09 12.43
C CYS C 97 -15.16 -9.81 11.24
N ALA C 98 -15.39 -11.10 11.23
CA ALA C 98 -14.98 -11.92 10.14
C ALA C 98 -16.15 -12.79 9.81
N LEU C 99 -16.26 -13.12 8.53
CA LEU C 99 -17.31 -13.95 8.03
C LEU C 99 -16.77 -15.04 7.16
N ASP C 100 -17.18 -16.29 7.40
CA ASP C 100 -16.92 -17.37 6.49
C ASP C 100 -18.05 -17.47 5.48
N VAL C 101 -17.67 -17.54 4.22
CA VAL C 101 -18.62 -17.48 3.08
C VAL C 101 -18.28 -18.50 2.02
N ILE C 102 -19.30 -19.01 1.34
CA ILE C 102 -19.09 -19.75 0.08
C ILE C 102 -19.84 -19.00 -1.00
N ALA C 103 -19.14 -18.68 -2.07
CA ALA C 103 -19.80 -18.04 -3.25
C ALA C 103 -19.87 -19.02 -4.37
N VAL C 104 -21.06 -19.07 -4.96
CA VAL C 104 -21.34 -19.80 -6.17
C VAL C 104 -21.56 -18.81 -7.29
N MET C 105 -20.88 -19.01 -8.41
CA MET C 105 -21.01 -18.13 -9.54
C MET C 105 -21.30 -18.88 -10.82
N ARG C 106 -22.09 -18.24 -11.67
N ARG C 106 -22.08 -18.24 -11.67
CA ARG C 106 -22.31 -18.67 -13.04
CA ARG C 106 -22.29 -18.68 -13.03
C ARG C 106 -21.87 -17.60 -14.01
C ARG C 106 -21.82 -17.58 -13.97
N PHE C 107 -20.97 -17.97 -14.91
CA PHE C 107 -20.41 -17.07 -15.92
C PHE C 107 -21.12 -17.28 -17.24
N ASP C 108 -21.19 -16.20 -18.00
CA ASP C 108 -21.79 -16.24 -19.31
C ASP C 108 -20.77 -16.49 -20.42
N GLU C 109 -21.26 -16.49 -21.66
N GLU C 109 -21.21 -16.52 -21.68
CA GLU C 109 -20.46 -16.78 -22.85
CA GLU C 109 -20.29 -16.84 -22.77
C GLU C 109 -19.55 -15.61 -23.24
C GLU C 109 -19.34 -15.68 -23.08
N HIS C 110 -19.58 -14.55 -22.42
CA HIS C 110 -18.71 -13.38 -22.59
C HIS C 110 -17.71 -13.32 -21.46
N GLY C 111 -17.73 -14.29 -20.55
CA GLY C 111 -16.76 -14.34 -19.47
C GLY C 111 -17.12 -13.47 -18.28
N ARG C 112 -18.36 -13.01 -18.24
CA ARG C 112 -18.84 -12.16 -17.17
C ARG C 112 -19.71 -12.99 -16.19
N ILE C 113 -19.77 -12.53 -14.95
CA ILE C 113 -20.54 -13.18 -13.92
C ILE C 113 -22.02 -12.82 -14.14
N GLN C 114 -22.82 -13.86 -14.41
CA GLN C 114 -24.26 -13.70 -14.59
C GLN C 114 -25.02 -13.77 -13.26
N THR C 115 -24.62 -14.71 -12.41
CA THR C 115 -25.19 -14.82 -11.08
C THR C 115 -24.13 -15.10 -10.02
N MET C 116 -24.38 -14.57 -8.85
CA MET C 116 -23.53 -14.91 -7.68
C MET C 116 -24.45 -15.13 -6.52
N GLN C 117 -24.17 -16.19 -5.76
N GLN C 117 -24.29 -16.27 -5.82
CA GLN C 117 -24.93 -16.51 -4.57
CA GLN C 117 -24.97 -16.51 -4.56
C GLN C 117 -23.97 -16.74 -3.44
C GLN C 117 -23.90 -16.63 -3.51
N ALA C 118 -24.09 -15.91 -2.41
CA ALA C 118 -23.18 -15.96 -1.25
C ALA C 118 -23.94 -16.57 -0.07
N TYR C 119 -23.48 -17.74 0.35
CA TYR C 119 -24.03 -18.48 1.49
C TYR C 119 -23.26 -18.14 2.76
N TRP C 120 -24.00 -17.66 3.75
CA TRP C 120 -23.56 -17.30 5.08
C TRP C 120 -24.75 -16.80 5.90
N SER C 121 -24.60 -16.90 7.21
CA SER C 121 -25.48 -16.25 8.16
C SER C 121 -24.70 -15.98 9.42
N GLU C 122 -25.39 -15.55 10.47
N GLU C 122 -25.41 -15.53 10.46
CA GLU C 122 -24.71 -15.15 11.69
CA GLU C 122 -24.81 -15.19 11.75
C GLU C 122 -23.97 -16.31 12.39
C GLU C 122 -23.94 -16.31 12.34
N VAL C 123 -24.30 -17.57 12.07
CA VAL C 123 -23.54 -18.71 12.54
C VAL C 123 -22.10 -18.73 11.98
N ASN C 124 -21.87 -17.97 10.90
CA ASN C 124 -20.58 -17.89 10.21
C ASN C 124 -19.86 -16.58 10.50
N LEU C 125 -20.40 -15.79 11.41
CA LEU C 125 -19.95 -14.44 11.71
C LEU C 125 -19.28 -14.48 13.07
N SER C 126 -18.06 -13.96 13.15
CA SER C 126 -17.33 -13.95 14.42
C SER C 126 -16.63 -12.62 14.68
N VAL C 127 -16.34 -12.38 15.95
CA VAL C 127 -15.64 -11.17 16.39
C VAL C 127 -14.12 -11.41 16.42
N MET D 1 -39.53 -31.94 11.33
CA MET D 1 -38.62 -30.89 11.89
C MET D 1 -39.05 -29.45 11.53
N ASN D 2 -39.89 -29.31 10.50
CA ASN D 2 -40.16 -28.00 9.86
C ASN D 2 -38.93 -27.53 9.07
N LEU D 3 -39.00 -26.36 8.44
CA LEU D 3 -37.81 -25.86 7.69
C LEU D 3 -36.62 -25.67 8.65
N PRO D 4 -35.48 -26.33 8.35
CA PRO D 4 -34.39 -26.27 9.29
C PRO D 4 -33.85 -24.85 9.43
N THR D 5 -33.58 -24.44 10.67
CA THR D 5 -32.87 -23.19 10.95
C THR D 5 -31.42 -23.29 10.47
N ALA D 6 -30.71 -22.17 10.47
CA ALA D 6 -29.27 -22.17 10.08
C ALA D 6 -28.41 -23.20 10.84
N GLN D 7 -28.53 -23.22 12.17
CA GLN D 7 -27.72 -24.13 13.00
C GLN D 7 -28.06 -25.58 12.71
N GLU D 8 -29.35 -25.84 12.50
CA GLU D 8 -29.84 -27.15 12.12
C GLU D 8 -29.31 -27.58 10.74
N VAL D 9 -29.30 -26.67 9.78
CA VAL D 9 -28.69 -26.90 8.45
C VAL D 9 -27.20 -27.30 8.56
N GLN D 10 -26.44 -26.62 9.39
CA GLN D 10 -25.04 -26.98 9.65
C GLN D 10 -24.95 -28.40 10.13
N GLY D 11 -25.80 -28.75 11.08
CA GLY D 11 -25.80 -30.10 11.66
C GLY D 11 -26.19 -31.15 10.66
N LEU D 12 -27.23 -30.88 9.85
CA LEU D 12 -27.67 -31.86 8.85
C LEU D 12 -26.66 -32.05 7.73
N MET D 13 -26.05 -30.96 7.27
CA MET D 13 -25.09 -31.09 6.19
C MET D 13 -23.82 -31.82 6.68
N ALA D 14 -23.43 -31.53 7.91
CA ALA D 14 -22.30 -32.22 8.54
C ALA D 14 -22.62 -33.71 8.71
N ARG D 15 -23.87 -34.02 9.03
CA ARG D 15 -24.34 -35.39 9.13
C ARG D 15 -24.30 -36.11 7.81
N ALA D 16 -24.73 -35.45 6.73
CA ALA D 16 -24.64 -36.03 5.40
C ALA D 16 -23.19 -36.49 5.08
N ILE D 17 -22.20 -35.68 5.42
CA ILE D 17 -20.81 -36.05 5.14
C ILE D 17 -20.42 -37.27 5.96
N GLU D 18 -20.75 -37.24 7.24
N GLU D 18 -20.73 -37.25 7.25
CA GLU D 18 -20.44 -38.33 8.18
CA GLU D 18 -20.43 -38.35 8.16
C GLU D 18 -21.04 -39.67 7.76
C GLU D 18 -21.00 -39.66 7.63
N LEU D 19 -22.24 -39.61 7.16
CA LEU D 19 -22.93 -40.81 6.67
C LEU D 19 -22.29 -41.34 5.37
N VAL D 20 -21.88 -40.45 4.45
CA VAL D 20 -21.10 -40.87 3.26
C VAL D 20 -19.78 -41.51 3.68
N ASP D 21 -19.17 -40.97 4.74
CA ASP D 21 -17.86 -41.40 5.27
C ASP D 21 -17.95 -42.81 5.83
N VAL D 22 -19.17 -43.30 6.03
CA VAL D 22 -19.38 -44.68 6.45
C VAL D 22 -19.98 -45.56 5.34
N GLY D 23 -20.71 -44.96 4.40
CA GLY D 23 -21.13 -45.67 3.17
C GLY D 23 -22.48 -46.37 3.32
N ASP D 24 -23.31 -45.81 4.20
CA ASP D 24 -24.64 -46.33 4.54
C ASP D 24 -25.59 -45.84 3.47
N ILE D 25 -25.85 -46.64 2.44
CA ILE D 25 -26.65 -46.14 1.32
C ILE D 25 -28.05 -45.77 1.81
N GLU D 26 -28.63 -46.64 2.66
CA GLU D 26 -29.95 -46.40 3.27
C GLU D 26 -30.06 -45.08 4.06
N ALA D 27 -29.10 -44.82 4.96
CA ALA D 27 -29.16 -43.63 5.84
C ALA D 27 -28.94 -42.35 5.05
N ILE D 28 -28.13 -42.44 3.99
CA ILE D 28 -27.87 -41.32 3.09
C ILE D 28 -29.13 -41.00 2.32
N VAL D 29 -29.72 -42.04 1.69
CA VAL D 29 -30.88 -41.83 0.83
C VAL D 29 -32.07 -41.36 1.66
N GLN D 30 -32.14 -41.77 2.92
CA GLN D 30 -33.24 -41.39 3.83
C GLN D 30 -33.23 -39.92 4.26
N MET D 31 -32.08 -39.27 4.15
CA MET D 31 -32.03 -37.84 4.34
C MET D 31 -32.66 -37.11 3.17
N TYR D 32 -32.80 -37.77 2.02
CA TYR D 32 -33.33 -37.08 0.85
C TYR D 32 -34.85 -37.16 0.81
N ALA D 33 -35.46 -36.10 0.29
CA ALA D 33 -36.89 -36.10 -0.02
C ALA D 33 -37.18 -37.21 -1.05
N ASP D 34 -38.36 -37.81 -1.01
CA ASP D 34 -38.60 -38.95 -1.92
C ASP D 34 -38.48 -38.50 -3.38
N ASP D 35 -38.76 -37.22 -3.67
CA ASP D 35 -38.55 -36.63 -5.00
C ASP D 35 -37.36 -35.65 -5.05
N ALA D 36 -36.35 -35.89 -4.24
CA ALA D 36 -35.15 -35.06 -4.23
C ALA D 36 -34.42 -35.08 -5.58
N THR D 37 -33.61 -34.08 -5.85
CA THR D 37 -32.73 -34.12 -7.03
C THR D 37 -31.26 -34.04 -6.59
N VAL D 38 -30.39 -34.65 -7.38
CA VAL D 38 -28.93 -34.65 -7.16
C VAL D 38 -28.26 -34.28 -8.47
N GLU D 39 -27.34 -33.32 -8.39
CA GLU D 39 -26.54 -32.88 -9.51
C GLU D 39 -25.13 -33.04 -9.06
N ASP D 40 -24.43 -34.01 -9.59
CA ASP D 40 -23.10 -34.34 -9.05
C ASP D 40 -22.31 -35.13 -10.07
N PRO D 41 -21.36 -34.46 -10.75
CA PRO D 41 -20.97 -33.05 -10.62
C PRO D 41 -22.00 -32.12 -11.23
N PHE D 42 -22.14 -30.94 -10.62
CA PHE D 42 -22.91 -29.88 -11.23
C PHE D 42 -22.46 -29.69 -12.68
N GLY D 43 -23.44 -29.58 -13.58
CA GLY D 43 -23.15 -29.58 -15.01
C GLY D 43 -23.65 -30.84 -15.71
N GLN D 44 -23.82 -31.94 -14.96
CA GLN D 44 -24.42 -33.14 -15.53
CA GLN D 44 -24.41 -33.18 -15.48
C GLN D 44 -25.90 -33.18 -15.19
N PRO D 45 -26.66 -34.05 -15.86
CA PRO D 45 -28.09 -34.04 -15.62
C PRO D 45 -28.49 -34.38 -14.20
N PRO D 46 -29.57 -33.76 -13.72
CA PRO D 46 -29.94 -34.18 -12.39
C PRO D 46 -30.48 -35.59 -12.39
N ILE D 47 -30.30 -36.28 -11.27
CA ILE D 47 -31.08 -37.48 -11.03
C ILE D 47 -32.18 -37.17 -10.04
N HIS D 48 -33.28 -37.91 -10.19
CA HIS D 48 -34.51 -37.65 -9.49
C HIS D 48 -34.95 -38.87 -8.71
N GLY D 49 -35.22 -38.67 -7.43
CA GLY D 49 -35.89 -39.67 -6.60
C GLY D 49 -34.95 -40.55 -5.82
N ARG D 50 -35.46 -41.15 -4.75
CA ARG D 50 -34.62 -41.95 -3.88
C ARG D 50 -34.02 -43.19 -4.55
N GLU D 51 -34.70 -43.80 -5.52
CA GLU D 51 -34.06 -44.96 -6.15
C GLU D 51 -32.94 -44.56 -7.15
N GLN D 52 -33.12 -43.52 -7.97
CA GLN D 52 -31.96 -43.05 -8.79
C GLN D 52 -30.80 -42.55 -7.89
N ILE D 53 -31.14 -41.87 -6.78
CA ILE D 53 -30.08 -41.38 -5.86
C ILE D 53 -29.31 -42.55 -5.25
N ALA D 54 -30.03 -43.61 -4.86
CA ALA D 54 -29.37 -44.82 -4.39
C ALA D 54 -28.46 -45.43 -5.45
N ALA D 55 -28.90 -45.51 -6.71
CA ALA D 55 -28.08 -46.10 -7.80
C ALA D 55 -26.85 -45.25 -8.10
N PHE D 56 -27.04 -43.94 -8.08
CA PHE D 56 -25.94 -43.00 -8.27
C PHE D 56 -24.89 -43.22 -7.18
N TYR D 57 -25.34 -43.31 -5.92
CA TYR D 57 -24.40 -43.49 -4.80
C TYR D 57 -23.69 -44.85 -4.89
N ARG D 58 -24.37 -45.89 -5.38
N ARG D 58 -24.36 -45.89 -5.39
CA ARG D 58 -23.71 -47.22 -5.53
CA ARG D 58 -23.73 -47.21 -5.55
C ARG D 58 -22.68 -47.22 -6.67
C ARG D 58 -22.70 -47.24 -6.69
N GLN D 59 -22.97 -46.52 -7.78
CA GLN D 59 -21.97 -46.36 -8.86
C GLN D 59 -20.70 -45.70 -8.31
N GLY D 60 -20.89 -44.71 -7.44
CA GLY D 60 -19.79 -43.95 -6.83
C GLY D 60 -19.03 -44.64 -5.71
N LEU D 61 -19.70 -45.56 -5.00
CA LEU D 61 -19.15 -46.21 -3.79
C LEU D 61 -19.06 -47.73 -3.92
N GLY D 62 -18.27 -48.20 -4.90
CA GLY D 62 -18.18 -49.63 -5.21
C GLY D 62 -17.13 -50.43 -4.44
N GLY D 63 -16.81 -49.99 -3.21
CA GLY D 63 -15.86 -50.73 -2.37
C GLY D 63 -15.94 -50.50 -0.86
N GLY D 64 -16.62 -49.43 -0.43
CA GLY D 64 -16.61 -49.03 0.99
C GLY D 64 -15.37 -48.21 1.35
N LYS D 65 -14.42 -48.13 0.43
CA LYS D 65 -13.14 -47.46 0.69
C LYS D 65 -13.19 -46.02 0.21
N VAL D 66 -14.34 -45.36 0.37
CA VAL D 66 -14.39 -43.90 0.22
C VAL D 66 -14.44 -43.22 1.60
N ARG D 67 -13.63 -42.16 1.77
CA ARG D 67 -13.68 -41.34 2.97
C ARG D 67 -14.23 -39.98 2.56
N ALA D 68 -14.92 -39.32 3.45
CA ALA D 68 -15.35 -37.93 3.24
C ALA D 68 -15.21 -37.11 4.51
N CYS D 69 -14.74 -35.88 4.38
N CYS D 69 -14.69 -35.89 4.36
CA CYS D 69 -14.39 -35.07 5.54
CA CYS D 69 -14.30 -35.01 5.44
C CYS D 69 -14.62 -33.61 5.20
C CYS D 69 -14.71 -33.59 5.12
N LEU D 70 -15.38 -32.91 6.05
CA LEU D 70 -15.57 -31.46 5.91
C LEU D 70 -14.24 -30.78 6.10
N THR D 71 -13.98 -29.80 5.26
CA THR D 71 -12.70 -29.08 5.31
C THR D 71 -12.91 -27.62 5.66
N GLY D 72 -14.07 -27.28 6.16
CA GLY D 72 -14.34 -25.94 6.66
C GLY D 72 -15.77 -25.90 7.17
N PRO D 73 -16.15 -24.76 7.77
CA PRO D 73 -17.51 -24.66 8.32
C PRO D 73 -18.59 -24.78 7.28
N VAL D 74 -19.73 -25.33 7.69
CA VAL D 74 -20.92 -25.26 6.83
C VAL D 74 -21.42 -23.83 6.84
N ARG D 75 -21.70 -23.27 5.66
CA ARG D 75 -22.30 -21.93 5.53
C ARG D 75 -23.80 -22.15 5.43
N ALA D 76 -24.59 -21.53 6.31
CA ALA D 76 -26.03 -21.80 6.36
C ALA D 76 -26.81 -20.52 6.16
N SER D 77 -27.94 -20.64 5.49
CA SER D 77 -28.91 -19.54 5.33
C SER D 77 -30.06 -19.61 6.35
N HIS D 78 -30.94 -18.62 6.27
CA HIS D 78 -32.17 -18.56 7.06
C HIS D 78 -33.40 -19.12 6.33
N ASN D 79 -33.19 -19.63 5.13
CA ASN D 79 -34.23 -20.28 4.35
C ASN D 79 -33.95 -21.75 4.03
N GLY D 80 -33.33 -22.43 5.00
CA GLY D 80 -33.15 -23.89 4.95
C GLY D 80 -32.14 -24.40 3.92
N CYS D 81 -31.16 -23.58 3.58
CA CYS D 81 -30.13 -23.97 2.64
C CYS D 81 -28.74 -23.76 3.22
N GLY D 82 -27.76 -24.37 2.57
CA GLY D 82 -26.37 -24.25 2.99
C GLY D 82 -25.42 -24.76 1.96
N ALA D 83 -24.13 -24.53 2.24
CA ALA D 83 -23.07 -24.89 1.34
C ALA D 83 -21.87 -25.32 2.23
N MET D 84 -21.14 -26.34 1.80
CA MET D 84 -20.01 -26.86 2.60
C MET D 84 -18.89 -27.27 1.72
N PRO D 85 -17.65 -27.04 2.17
CA PRO D 85 -16.48 -27.54 1.46
C PRO D 85 -16.04 -28.86 2.10
N PHE D 86 -15.64 -29.79 1.26
CA PHE D 86 -15.20 -31.10 1.73
C PHE D 86 -14.24 -31.75 0.78
N ARG D 87 -13.61 -32.80 1.29
N ARG D 87 -13.64 -32.83 1.26
CA ARG D 87 -12.73 -33.62 0.48
CA ARG D 87 -12.71 -33.61 0.47
C ARG D 87 -13.26 -35.05 0.54
C ARG D 87 -13.09 -35.09 0.54
N VAL D 88 -13.25 -35.72 -0.61
CA VAL D 88 -13.52 -37.16 -0.68
C VAL D 88 -12.24 -37.86 -1.06
N GLU D 89 -11.96 -38.99 -0.41
CA GLU D 89 -10.81 -39.81 -0.72
C GLU D 89 -11.38 -41.15 -1.19
N MET D 90 -10.79 -41.62 -2.26
CA MET D 90 -11.24 -42.85 -2.89
C MET D 90 -10.07 -43.50 -3.62
N VAL D 91 -10.31 -44.70 -4.14
CA VAL D 91 -9.32 -45.41 -4.94
C VAL D 91 -9.97 -45.57 -6.31
N TRP D 92 -9.36 -44.93 -7.31
CA TRP D 92 -9.83 -45.01 -8.69
C TRP D 92 -8.76 -45.67 -9.47
N ASN D 93 -9.10 -46.76 -10.15
CA ASN D 93 -8.14 -47.51 -10.95
C ASN D 93 -6.88 -47.85 -10.16
N GLY D 94 -7.09 -48.32 -8.94
CA GLY D 94 -6.02 -48.75 -8.07
C GLY D 94 -5.14 -47.67 -7.48
N GLN D 95 -5.53 -46.41 -7.65
N GLN D 95 -5.53 -46.41 -7.69
CA GLN D 95 -4.68 -45.27 -7.26
CA GLN D 95 -4.77 -45.29 -7.17
C GLN D 95 -5.41 -44.41 -6.22
C GLN D 95 -5.54 -44.58 -6.08
N PRO D 96 -4.84 -44.26 -5.01
CA PRO D 96 -5.46 -43.41 -3.99
C PRO D 96 -5.52 -41.97 -4.44
N CYS D 97 -6.75 -41.46 -4.47
CA CYS D 97 -7.09 -40.15 -5.06
C CYS D 97 -7.86 -39.36 -4.04
N ALA D 98 -8.09 -38.09 -4.42
CA ALA D 98 -8.86 -37.17 -3.60
C ALA D 98 -9.54 -36.17 -4.51
N LEU D 99 -10.71 -35.75 -4.09
CA LEU D 99 -11.45 -34.67 -4.79
C LEU D 99 -11.82 -33.63 -3.77
N ASP D 100 -11.54 -32.35 -4.05
CA ASP D 100 -12.11 -31.28 -3.27
C ASP D 100 -13.44 -30.83 -3.86
N VAL D 101 -14.48 -30.76 -3.04
CA VAL D 101 -15.85 -30.53 -3.54
C VAL D 101 -16.55 -29.49 -2.66
N ILE D 102 -17.49 -28.75 -3.24
CA ILE D 102 -18.43 -27.95 -2.47
C ILE D 102 -19.82 -28.46 -2.80
N ALA D 103 -20.62 -28.80 -1.79
CA ALA D 103 -22.03 -29.14 -2.00
C ALA D 103 -22.92 -28.08 -1.43
N VAL D 104 -23.95 -27.75 -2.23
CA VAL D 104 -25.04 -26.87 -1.86
C VAL D 104 -26.25 -27.75 -1.65
N MET D 105 -26.97 -27.53 -0.56
CA MET D 105 -28.18 -28.27 -0.25
C MET D 105 -29.31 -27.34 0.11
N ARG D 106 -30.48 -27.69 -0.37
CA ARG D 106 -31.69 -27.08 0.12
C ARG D 106 -32.57 -28.11 0.74
N PHE D 107 -33.06 -27.77 1.93
CA PHE D 107 -33.92 -28.62 2.72
C PHE D 107 -35.38 -28.21 2.53
N ASP D 108 -36.28 -29.17 2.71
CA ASP D 108 -37.69 -28.92 2.56
C ASP D 108 -38.29 -28.67 3.94
N GLU D 109 -39.58 -28.38 3.98
CA GLU D 109 -40.23 -28.02 5.24
C GLU D 109 -40.43 -29.22 6.21
N HIS D 110 -39.92 -30.41 5.84
CA HIS D 110 -39.85 -31.57 6.75
C HIS D 110 -38.38 -31.93 7.10
N GLY D 111 -37.43 -31.12 6.66
CA GLY D 111 -36.04 -31.26 7.06
C GLY D 111 -35.30 -32.29 6.25
N ARG D 112 -35.84 -32.63 5.08
CA ARG D 112 -35.20 -33.56 4.17
C ARG D 112 -34.50 -32.79 3.07
N ILE D 113 -33.49 -33.40 2.46
CA ILE D 113 -32.78 -32.77 1.35
C ILE D 113 -33.61 -32.76 0.10
N GLN D 114 -33.99 -31.58 -0.36
CA GLN D 114 -34.75 -31.49 -1.58
C GLN D 114 -33.85 -31.43 -2.79
N THR D 115 -32.71 -30.72 -2.65
CA THR D 115 -31.77 -30.59 -3.76
C THR D 115 -30.33 -30.63 -3.22
N MET D 116 -29.49 -31.31 -3.95
CA MET D 116 -28.05 -31.28 -3.67
C MET D 116 -27.33 -31.04 -4.98
N GLN D 117 -26.38 -30.13 -4.95
CA GLN D 117 -25.55 -29.81 -6.11
C GLN D 117 -24.13 -29.88 -5.64
N ALA D 118 -23.28 -30.64 -6.33
CA ALA D 118 -21.89 -30.83 -5.89
C ALA D 118 -21.03 -30.28 -6.98
N TYR D 119 -20.23 -29.27 -6.65
CA TYR D 119 -19.35 -28.60 -7.57
C TYR D 119 -17.94 -29.17 -7.46
N TRP D 120 -17.43 -29.61 -8.60
CA TRP D 120 -16.06 -30.16 -8.75
C TRP D 120 -15.85 -30.54 -10.20
N SER D 121 -14.59 -30.63 -10.59
CA SER D 121 -14.13 -31.23 -11.83
C SER D 121 -12.71 -31.74 -11.64
N GLU D 122 -12.07 -32.12 -12.74
CA GLU D 122 -10.67 -32.59 -12.74
C GLU D 122 -9.73 -31.56 -12.14
N VAL D 123 -10.09 -30.27 -12.17
CA VAL D 123 -9.22 -29.26 -11.56
C VAL D 123 -9.13 -29.42 -10.03
N ASN D 124 -10.01 -30.26 -9.47
CA ASN D 124 -10.09 -30.52 -8.05
C ASN D 124 -9.58 -31.90 -7.63
N LEU D 125 -8.98 -32.60 -8.57
CA LEU D 125 -8.45 -33.98 -8.32
C LEU D 125 -7.02 -33.92 -7.83
N SER D 126 -6.71 -34.77 -6.84
CA SER D 126 -5.38 -34.90 -6.30
C SER D 126 -5.00 -36.36 -6.18
N VAL D 127 -3.71 -36.62 -6.36
CA VAL D 127 -3.17 -37.95 -6.04
C VAL D 127 -2.77 -37.90 -4.59
N ARG D 128 -2.96 -39.00 -3.85
CA ARG D 128 -2.50 -39.06 -2.45
C ARG D 128 -1.27 -39.93 -2.36
N GLU D 129 -0.46 -39.63 -1.36
CA GLU D 129 0.69 -40.46 -1.06
C GLU D 129 0.23 -41.61 -0.17
N PRO D 130 0.76 -42.81 -0.41
CA PRO D 130 0.44 -44.01 0.37
C PRO D 130 0.21 -43.75 1.87
S SO4 E . 30.20 26.34 11.04
O1 SO4 E . 31.03 27.08 12.01
O2 SO4 E . 29.97 24.99 11.53
O3 SO4 E . 28.91 27.06 10.87
O4 SO4 E . 30.92 26.19 9.80
S SO4 F . 27.95 47.07 9.35
O1 SO4 F . 29.03 46.73 10.28
O2 SO4 F . 27.37 45.87 8.77
O3 SO4 F . 26.91 47.83 10.04
O4 SO4 F . 28.51 47.89 8.27
S SO4 G . -18.89 -8.51 -25.51
O1 SO4 G . -18.08 -9.64 -25.96
O2 SO4 G . -20.00 -8.97 -24.67
O3 SO4 G . -18.05 -7.60 -24.72
O4 SO4 G . -19.43 -7.80 -26.66
S SO4 H . -23.54 -8.50 -20.60
O1 SO4 H . -22.80 -9.76 -20.79
O2 SO4 H . -24.91 -8.85 -20.21
O3 SO4 H . -22.89 -7.64 -19.61
O4 SO4 H . -23.56 -7.76 -21.87
S SO4 I . -28.67 -19.22 -12.07
O1 SO4 I . -27.20 -19.31 -12.04
O2 SO4 I . -29.28 -20.47 -12.50
O3 SO4 I . -29.22 -18.92 -10.74
O4 SO4 I . -29.06 -18.20 -13.04
O20 EDT J . -5.67 -25.17 2.77
C5 EDT J . -6.82 -25.27 2.41
O19 EDT J . -7.15 -25.12 1.17
C4 EDT J . -7.81 -25.69 3.51
N3 EDT J . -9.12 -25.71 2.79
C2 EDT J . -9.34 -26.89 1.93
C1 EDT J . -10.72 -26.97 1.14
O18 EDT J . -11.13 -28.15 0.87
O17 EDT J . -11.36 -25.90 0.84
C6 EDT J . -10.15 -25.64 3.87
C7 EDT J . -10.41 -24.28 4.59
N8 EDT J . -11.06 -24.20 5.92
C9 EDT J . -9.96 -24.58 6.88
C10 EDT J . -10.62 -24.94 8.22
O16 EDT J . -9.85 -25.34 9.06
O15 EDT J . -11.89 -24.80 8.45
C11 EDT J . -11.71 -22.87 6.26
C12 EDT J . -12.93 -22.49 5.32
O13 EDT J . -13.64 -23.42 4.77
O14 EDT J . -13.16 -21.27 5.14
#